data_1YSI
#
_entry.id   1YSI
#
_cell.length_a   1.000
_cell.length_b   1.000
_cell.length_c   1.000
_cell.angle_alpha   90.00
_cell.angle_beta   90.00
_cell.angle_gamma   90.00
#
_symmetry.space_group_name_H-M   'P 1'
#
loop_
_entity.id
_entity.type
_entity.pdbx_description
1 polymer 'Apoptosis regulator Bcl-X'
2 non-polymer "N-[(4'-FLUORO-1,1'-BIPHENYL-4-YL)CARBONYL]-3-NITRO-4-{[2-(PHENYLSULFANYL)ETHYL]AMINO}BENZENESULFONAMIDE"
#
_entity_poly.entity_id   1
_entity_poly.type   'polypeptide(L)'
_entity_poly.pdbx_seq_one_letter_code
;MSMAMSQSNRELVVDFLSYKLSQKGYSWSQFSDVEENRTEAPEGTESEAVKQALREAGDEFELRYRRAFSDLTSQLHITP
GTAYQSFEQVVNELFRDGVNWGRIVAFFSFGGALCVESVDKEMQVLVSRIAAWMATYLNDHLEPWIQENGGWDTFVELYG
NNAAAESRKGQERLEHHHHHH
;
_entity_poly.pdbx_strand_id   A
#
loop_
_chem_comp.id
_chem_comp.type
_chem_comp.name
_chem_comp.formula
N3B non-polymer N-[(4'-FLUORO-1,1'-BIPHENYL-4-YL)CARBONYL]-3-NITRO-4-{[2-(PHENYLSULFANYL)ETHYL]AMINO}BENZENESULFONAMIDE 'C27 H22 F N3 O5 S2'
#
# COMPACT_ATOMS: atom_id res chain seq x y z
N MET A 1 -10.75 10.09 -22.72
CA MET A 1 -9.35 9.66 -22.45
C MET A 1 -9.33 8.67 -21.27
N SER A 2 -8.18 8.46 -20.69
CA SER A 2 -8.10 7.52 -19.53
C SER A 2 -7.94 8.30 -18.23
N MET A 3 -7.29 9.45 -18.30
CA MET A 3 -7.06 10.32 -17.09
C MET A 3 -6.85 9.47 -15.83
N ALA A 4 -5.90 8.57 -15.86
CA ALA A 4 -5.64 7.72 -14.66
C ALA A 4 -5.09 8.57 -13.52
N MET A 5 -4.88 7.99 -12.38
CA MET A 5 -4.34 8.75 -11.22
C MET A 5 -5.23 9.97 -10.97
N SER A 6 -6.49 9.88 -11.27
CA SER A 6 -7.41 11.03 -11.04
C SER A 6 -7.84 11.05 -9.57
N GLN A 7 -7.96 9.90 -8.96
CA GLN A 7 -8.38 9.85 -7.53
C GLN A 7 -8.10 8.46 -6.97
N SER A 8 -7.04 7.83 -7.42
CA SER A 8 -6.71 6.47 -6.91
C SER A 8 -5.61 6.58 -5.86
N ASN A 9 -5.57 7.66 -5.13
CA ASN A 9 -4.52 7.82 -4.09
C ASN A 9 -5.18 8.04 -2.72
N ARG A 10 -6.07 8.98 -2.62
CA ARG A 10 -6.75 9.22 -1.32
C ARG A 10 -7.46 7.95 -0.87
N GLU A 11 -8.16 7.31 -1.77
CA GLU A 11 -8.88 6.06 -1.40
C GLU A 11 -7.97 4.84 -1.63
N LEU A 12 -6.71 5.05 -1.89
CA LEU A 12 -5.80 3.89 -2.11
C LEU A 12 -5.35 3.37 -0.75
N VAL A 13 -5.05 4.28 0.15
CA VAL A 13 -4.60 3.88 1.50
C VAL A 13 -5.82 3.40 2.30
N VAL A 14 -6.98 3.95 2.03
CA VAL A 14 -8.19 3.51 2.77
C VAL A 14 -8.62 2.15 2.27
N ASP A 15 -8.46 1.88 1.00
CA ASP A 15 -8.87 0.56 0.46
C ASP A 15 -8.01 -0.52 1.12
N PHE A 16 -6.73 -0.36 1.07
CA PHE A 16 -5.84 -1.39 1.71
C PHE A 16 -6.01 -1.34 3.22
N LEU A 17 -6.20 -0.17 3.77
CA LEU A 17 -6.38 -0.05 5.23
C LEU A 17 -7.55 -0.92 5.68
N SER A 18 -8.71 -0.69 5.12
CA SER A 18 -9.89 -1.51 5.51
C SER A 18 -9.58 -2.99 5.32
N TYR A 19 -8.85 -3.32 4.28
CA TYR A 19 -8.51 -4.75 4.04
C TYR A 19 -7.79 -5.32 5.26
N LYS A 20 -7.00 -4.51 5.92
CA LYS A 20 -6.28 -5.01 7.12
C LYS A 20 -7.11 -4.77 8.38
N LEU A 21 -7.96 -3.77 8.37
CA LEU A 21 -8.80 -3.49 9.56
C LEU A 21 -9.89 -4.55 9.69
N SER A 22 -10.59 -4.82 8.62
CA SER A 22 -11.67 -5.86 8.68
C SER A 22 -11.10 -7.16 9.23
N GLN A 23 -9.83 -7.39 9.04
CA GLN A 23 -9.21 -8.65 9.56
C GLN A 23 -9.22 -8.63 11.09
N LYS A 24 -9.14 -7.46 11.67
CA LYS A 24 -9.14 -7.37 13.15
C LYS A 24 -10.57 -7.16 13.65
N GLY A 25 -11.41 -6.57 12.85
CA GLY A 25 -12.82 -6.34 13.28
C GLY A 25 -13.00 -4.87 13.68
N TYR A 26 -12.28 -3.99 13.05
CA TYR A 26 -12.40 -2.54 13.39
C TYR A 26 -13.22 -1.82 12.32
N SER A 27 -13.23 -2.33 11.11
CA SER A 27 -14.01 -1.66 10.03
C SER A 27 -13.38 -0.30 9.71
N TRP A 28 -14.13 0.61 9.13
CA TRP A 28 -13.56 1.95 8.79
C TRP A 28 -14.67 3.00 8.84
N SER A 29 -15.81 2.71 8.26
CA SER A 29 -16.92 3.70 8.26
C SER A 29 -17.21 4.17 9.69
N GLN A 30 -16.95 3.33 10.65
CA GLN A 30 -17.21 3.73 12.07
C GLN A 30 -15.99 4.46 12.66
N PHE A 31 -14.89 4.50 11.96
CA PHE A 31 -13.70 5.20 12.51
C PHE A 31 -14.03 6.65 12.87
N SER A 32 -14.23 7.48 11.89
CA SER A 32 -14.56 8.90 12.18
C SER A 32 -16.06 9.15 12.01
N ASP A 33 -16.87 8.14 12.13
CA ASP A 33 -18.34 8.36 11.96
C ASP A 33 -18.62 8.85 10.52
N VAL A 34 -19.27 9.98 10.36
CA VAL A 34 -19.60 10.54 9.01
C VAL A 34 -20.83 9.83 8.44
N GLU A 35 -21.68 10.58 7.79
CA GLU A 35 -22.92 9.98 7.20
C GLU A 35 -22.56 8.77 6.34
N GLU A 36 -23.49 7.88 6.16
CA GLU A 36 -23.22 6.67 5.32
C GLU A 36 -24.26 6.58 4.20
N ASN A 37 -23.89 6.94 3.00
CA ASN A 37 -24.86 6.88 1.87
C ASN A 37 -25.46 5.47 1.78
N ARG A 38 -24.74 4.55 1.21
CA ARG A 38 -25.27 3.16 1.09
C ARG A 38 -24.30 2.32 0.26
N THR A 39 -24.23 2.57 -1.02
CA THR A 39 -23.31 1.78 -1.88
C THR A 39 -23.76 0.32 -1.91
N GLU A 40 -24.94 0.06 -2.40
CA GLU A 40 -25.45 -1.34 -2.47
C GLU A 40 -24.79 -2.06 -3.65
N ALA A 41 -25.09 -1.63 -4.85
CA ALA A 41 -24.49 -2.30 -6.04
C ALA A 41 -24.25 -1.25 -7.13
N PRO A 42 -23.40 -0.31 -6.83
CA PRO A 42 -23.03 0.78 -7.75
C PRO A 42 -22.14 0.24 -8.87
N GLU A 43 -21.40 -0.80 -8.61
CA GLU A 43 -20.50 -1.37 -9.65
C GLU A 43 -19.46 -0.33 -10.08
N GLY A 44 -19.80 0.54 -11.00
CA GLY A 44 -18.82 1.57 -11.44
C GLY A 44 -17.74 0.92 -12.31
N THR A 45 -16.80 0.24 -11.70
CA THR A 45 -15.72 -0.40 -12.50
C THR A 45 -14.98 -1.42 -11.62
N GLU A 46 -14.69 -1.06 -10.38
CA GLU A 46 -13.97 -1.96 -9.42
C GLU A 46 -12.96 -2.86 -10.14
N SER A 47 -12.28 -2.34 -11.12
CA SER A 47 -11.28 -3.16 -11.86
C SER A 47 -9.86 -2.66 -11.54
N GLU A 48 -9.56 -2.47 -10.29
CA GLU A 48 -8.20 -1.98 -9.92
C GLU A 48 -7.27 -3.18 -9.70
N ALA A 49 -6.03 -3.06 -10.12
CA ALA A 49 -5.08 -4.20 -9.93
C ALA A 49 -4.05 -3.83 -8.85
N VAL A 50 -3.78 -2.57 -8.68
CA VAL A 50 -2.78 -2.15 -7.65
C VAL A 50 -3.17 -2.74 -6.29
N LYS A 51 -4.42 -2.63 -5.92
CA LYS A 51 -4.87 -3.19 -4.62
C LYS A 51 -4.48 -4.67 -4.53
N GLN A 52 -4.46 -5.35 -5.64
CA GLN A 52 -4.10 -6.79 -5.63
C GLN A 52 -2.62 -6.94 -5.26
N ALA A 53 -1.75 -6.35 -6.04
CA ALA A 53 -0.29 -6.45 -5.75
C ALA A 53 -0.02 -5.95 -4.32
N LEU A 54 -0.46 -4.76 -4.01
CA LEU A 54 -0.24 -4.21 -2.65
C LEU A 54 -0.76 -5.20 -1.60
N ARG A 55 -1.74 -6.00 -1.95
CA ARG A 55 -2.27 -6.98 -0.97
C ARG A 55 -1.23 -8.07 -0.71
N GLU A 56 -0.88 -8.82 -1.72
CA GLU A 56 0.14 -9.89 -1.55
C GLU A 56 1.44 -9.28 -1.05
N ALA A 57 1.77 -8.10 -1.50
CA ALA A 57 3.03 -7.45 -1.05
C ALA A 57 3.05 -7.38 0.48
N GLY A 58 1.98 -6.94 1.08
CA GLY A 58 1.93 -6.85 2.56
C GLY A 58 2.28 -8.22 3.17
N ASP A 59 2.01 -9.28 2.45
CA ASP A 59 2.32 -10.64 2.99
C ASP A 59 3.71 -11.06 2.51
N GLU A 60 3.92 -11.08 1.21
CA GLU A 60 5.26 -11.48 0.68
C GLU A 60 6.34 -10.59 1.31
N PHE A 61 6.17 -9.30 1.23
CA PHE A 61 7.18 -8.37 1.82
C PHE A 61 7.35 -8.69 3.30
N GLU A 62 6.33 -9.21 3.93
CA GLU A 62 6.44 -9.54 5.38
C GLU A 62 6.91 -10.99 5.55
N LEU A 63 7.95 -11.38 4.85
CA LEU A 63 8.45 -12.78 4.96
C LEU A 63 9.94 -12.78 4.67
N ARG A 64 10.35 -12.31 3.52
CA ARG A 64 11.78 -12.28 3.19
C ARG A 64 12.47 -11.20 4.05
N TYR A 65 11.74 -10.18 4.41
CA TYR A 65 12.34 -9.10 5.24
C TYR A 65 11.89 -9.26 6.69
N ARG A 66 12.46 -10.20 7.40
CA ARG A 66 12.08 -10.40 8.84
C ARG A 66 12.18 -9.06 9.57
N ARG A 67 13.13 -8.25 9.18
CA ARG A 67 13.30 -6.92 9.84
C ARG A 67 13.39 -5.85 8.75
N ALA A 68 12.32 -5.17 8.50
CA ALA A 68 12.33 -4.11 7.46
C ALA A 68 12.33 -2.73 8.11
N PHE A 69 11.23 -2.34 8.71
CA PHE A 69 11.18 -1.01 9.37
C PHE A 69 10.96 -1.20 10.87
N SER A 70 11.54 -2.22 11.43
CA SER A 70 11.37 -2.46 12.90
C SER A 70 11.79 -1.20 13.67
N ASP A 71 12.71 -0.45 13.12
CA ASP A 71 13.16 0.79 13.83
C ASP A 71 12.28 1.96 13.40
N LEU A 72 11.87 1.98 12.16
CA LEU A 72 11.00 3.09 11.68
C LEU A 72 9.73 3.14 12.53
N THR A 73 9.01 2.05 12.62
CA THR A 73 7.77 2.04 13.44
C THR A 73 8.11 2.48 14.86
N SER A 74 9.14 1.92 15.43
CA SER A 74 9.54 2.31 16.82
C SER A 74 9.81 3.83 16.86
N GLN A 75 10.14 4.41 15.74
CA GLN A 75 10.43 5.88 15.72
C GLN A 75 9.15 6.64 15.34
N LEU A 76 8.01 6.03 15.48
CA LEU A 76 6.74 6.73 15.13
C LEU A 76 5.75 6.56 16.29
N HIS A 77 6.21 6.72 17.51
CA HIS A 77 5.31 6.57 18.68
C HIS A 77 4.08 7.47 18.50
N ILE A 78 2.91 6.90 18.57
CA ILE A 78 1.67 7.71 18.40
C ILE A 78 1.43 8.52 19.67
N THR A 79 1.12 9.79 19.53
CA THR A 79 0.87 10.64 20.74
C THR A 79 0.40 12.02 20.28
N PRO A 80 -0.18 12.75 21.21
CA PRO A 80 -0.70 14.09 20.97
C PRO A 80 0.46 15.08 20.82
N GLY A 81 1.26 14.93 19.80
CA GLY A 81 2.40 15.86 19.60
C GLY A 81 2.84 15.84 18.13
N THR A 82 3.57 14.84 17.73
CA THR A 82 4.02 14.77 16.32
C THR A 82 2.93 14.11 15.47
N ALA A 83 3.18 13.93 14.20
CA ALA A 83 2.15 13.30 13.33
C ALA A 83 2.68 13.22 11.89
N TYR A 84 2.66 14.31 11.18
CA TYR A 84 3.17 14.30 9.78
C TYR A 84 4.67 14.62 9.77
N GLN A 85 5.15 15.33 10.76
CA GLN A 85 6.60 15.66 10.80
C GLN A 85 7.41 14.38 10.94
N SER A 86 7.28 13.71 12.06
CA SER A 86 8.05 12.44 12.27
C SER A 86 7.64 11.41 11.23
N PHE A 87 6.39 11.41 10.85
CA PHE A 87 5.93 10.41 9.83
C PHE A 87 6.64 10.67 8.50
N GLU A 88 6.67 11.89 8.06
CA GLU A 88 7.36 12.20 6.77
C GLU A 88 8.88 12.06 6.95
N GLN A 89 9.38 12.46 8.08
CA GLN A 89 10.85 12.35 8.31
C GLN A 89 11.29 10.89 8.14
N VAL A 90 10.67 9.99 8.86
CA VAL A 90 11.06 8.56 8.73
C VAL A 90 10.57 8.01 7.39
N VAL A 91 9.48 8.52 6.89
CA VAL A 91 8.96 8.02 5.59
C VAL A 91 9.92 8.44 4.48
N ASN A 92 10.31 9.68 4.46
CA ASN A 92 11.26 10.15 3.41
C ASN A 92 12.51 9.28 3.46
N GLU A 93 12.88 8.85 4.63
CA GLU A 93 14.10 7.99 4.76
C GLU A 93 13.91 6.76 3.87
N LEU A 94 12.70 6.30 3.72
CA LEU A 94 12.44 5.11 2.88
C LEU A 94 12.55 5.49 1.40
N PHE A 95 11.96 6.62 1.04
CA PHE A 95 12.02 7.06 -0.38
C PHE A 95 13.27 7.92 -0.60
N ARG A 96 14.42 7.41 -0.24
CA ARG A 96 15.67 8.19 -0.43
C ARG A 96 16.61 7.45 -1.38
N ASP A 97 16.82 6.19 -1.14
CA ASP A 97 17.73 5.40 -2.03
C ASP A 97 17.24 5.51 -3.47
N GLY A 98 15.96 5.68 -3.67
CA GLY A 98 15.42 5.79 -5.05
C GLY A 98 13.99 5.23 -5.09
N VAL A 99 13.04 6.01 -5.50
CA VAL A 99 11.64 5.52 -5.55
C VAL A 99 11.58 4.25 -6.40
N ASN A 100 11.14 3.17 -5.82
CA ASN A 100 11.05 1.90 -6.59
C ASN A 100 9.71 1.22 -6.32
N TRP A 101 9.38 0.20 -7.05
CA TRP A 101 8.08 -0.49 -6.83
C TRP A 101 8.04 -1.07 -5.42
N GLY A 102 9.06 -1.76 -5.00
CA GLY A 102 9.06 -2.33 -3.63
C GLY A 102 8.97 -1.20 -2.61
N ARG A 103 9.70 -0.15 -2.82
CA ARG A 103 9.65 1.00 -1.87
C ARG A 103 8.20 1.46 -1.74
N ILE A 104 7.47 1.44 -2.83
CA ILE A 104 6.05 1.86 -2.78
C ILE A 104 5.23 0.83 -2.00
N VAL A 105 5.67 -0.40 -2.00
CA VAL A 105 4.93 -1.46 -1.26
C VAL A 105 5.28 -1.37 0.22
N ALA A 106 6.48 -0.95 0.51
CA ALA A 106 6.89 -0.84 1.94
C ALA A 106 6.23 0.39 2.57
N PHE A 107 6.18 1.48 1.85
CA PHE A 107 5.54 2.71 2.40
C PHE A 107 4.04 2.48 2.53
N PHE A 108 3.47 1.65 1.69
CA PHE A 108 2.00 1.38 1.78
C PHE A 108 1.72 0.56 3.03
N SER A 109 2.27 -0.62 3.13
CA SER A 109 2.03 -1.47 4.33
C SER A 109 2.49 -0.73 5.59
N PHE A 110 3.53 0.05 5.48
CA PHE A 110 4.02 0.80 6.67
C PHE A 110 2.92 1.73 7.18
N GLY A 111 2.28 2.45 6.30
CA GLY A 111 1.19 3.38 6.74
C GLY A 111 0.05 2.57 7.34
N GLY A 112 -0.51 1.65 6.61
CA GLY A 112 -1.63 0.82 7.13
C GLY A 112 -1.22 0.18 8.46
N ALA A 113 0.05 -0.11 8.62
CA ALA A 113 0.51 -0.74 9.89
C ALA A 113 0.36 0.27 11.03
N LEU A 114 0.61 1.52 10.76
CA LEU A 114 0.49 2.56 11.83
C LEU A 114 -0.98 2.74 12.18
N CYS A 115 -1.86 2.61 11.22
CA CYS A 115 -3.31 2.79 11.50
C CYS A 115 -3.86 1.53 12.18
N VAL A 116 -3.58 0.38 11.63
CA VAL A 116 -4.09 -0.88 12.24
C VAL A 116 -3.64 -0.96 13.70
N GLU A 117 -2.49 -0.41 14.01
CA GLU A 117 -2.01 -0.45 15.41
C GLU A 117 -2.70 0.64 16.23
N SER A 118 -2.66 1.86 15.77
CA SER A 118 -3.33 2.96 16.52
C SER A 118 -4.81 2.61 16.73
N VAL A 119 -5.42 1.97 15.78
CA VAL A 119 -6.85 1.61 15.92
C VAL A 119 -6.96 0.32 16.75
N ASP A 120 -5.96 -0.52 16.69
CA ASP A 120 -6.02 -1.80 17.48
C ASP A 120 -6.20 -1.47 18.96
N LYS A 121 -5.60 -0.41 19.43
CA LYS A 121 -5.74 -0.04 20.87
C LYS A 121 -7.10 0.62 21.09
N GLU A 122 -7.22 1.87 20.71
CA GLU A 122 -8.52 2.57 20.90
C GLU A 122 -8.41 4.00 20.33
N MET A 123 -7.73 4.14 19.23
CA MET A 123 -7.59 5.50 18.61
C MET A 123 -8.03 5.44 17.15
N GLN A 124 -9.30 5.49 16.90
CA GLN A 124 -9.79 5.45 15.49
C GLN A 124 -10.09 6.86 15.01
N VAL A 125 -9.41 7.84 15.54
CA VAL A 125 -9.65 9.24 15.11
C VAL A 125 -8.47 9.74 14.27
N LEU A 126 -7.30 9.20 14.50
CA LEU A 126 -6.11 9.66 13.72
C LEU A 126 -5.90 8.74 12.51
N VAL A 127 -6.91 8.01 12.09
CA VAL A 127 -6.74 7.11 10.92
C VAL A 127 -6.76 7.95 9.64
N SER A 128 -7.65 8.91 9.56
CA SER A 128 -7.71 9.76 8.34
C SER A 128 -6.45 10.63 8.26
N ARG A 129 -5.91 10.99 9.38
CA ARG A 129 -4.68 11.84 9.38
C ARG A 129 -3.53 11.04 8.77
N ILE A 130 -3.26 9.86 9.27
CA ILE A 130 -2.15 9.04 8.72
C ILE A 130 -2.46 8.68 7.27
N ALA A 131 -3.63 8.19 7.01
CA ALA A 131 -4.00 7.82 5.62
C ALA A 131 -3.88 9.05 4.71
N ALA A 132 -4.11 10.21 5.26
CA ALA A 132 -4.01 11.45 4.43
C ALA A 132 -2.55 11.71 4.08
N TRP A 133 -1.67 11.61 5.03
CA TRP A 133 -0.23 11.85 4.75
C TRP A 133 0.23 10.93 3.62
N MET A 134 -0.17 9.69 3.65
CA MET A 134 0.23 8.74 2.57
C MET A 134 -0.52 9.08 1.29
N ALA A 135 -1.71 9.58 1.41
CA ALA A 135 -2.50 9.92 0.18
C ALA A 135 -1.82 11.08 -0.55
N THR A 136 -1.36 12.07 0.16
CA THR A 136 -0.69 13.22 -0.49
C THR A 136 0.67 12.77 -1.05
N TYR A 137 1.39 11.97 -0.30
CA TYR A 137 2.72 11.50 -0.79
C TYR A 137 2.54 10.83 -2.15
N LEU A 138 1.42 10.19 -2.37
CA LEU A 138 1.19 9.52 -3.68
C LEU A 138 0.47 10.48 -4.63
N ASN A 139 -0.23 11.45 -4.10
CA ASN A 139 -0.94 12.42 -4.98
C ASN A 139 0.06 13.11 -5.91
N ASP A 140 1.08 13.71 -5.36
CA ASP A 140 2.09 14.40 -6.22
C ASP A 140 3.50 14.20 -5.66
N HIS A 141 3.68 13.28 -4.75
CA HIS A 141 5.04 13.04 -4.18
C HIS A 141 5.52 11.64 -4.57
N LEU A 142 5.08 11.13 -5.68
CA LEU A 142 5.50 9.76 -6.12
C LEU A 142 4.89 9.44 -7.47
N GLU A 143 3.67 9.87 -7.70
CA GLU A 143 2.99 9.60 -9.00
C GLU A 143 3.93 9.89 -10.19
N PRO A 144 4.53 11.05 -10.21
CA PRO A 144 5.44 11.44 -11.29
C PRO A 144 6.45 10.31 -11.55
N TRP A 145 6.76 9.52 -10.55
CA TRP A 145 7.72 8.41 -10.77
C TRP A 145 6.96 7.13 -11.12
N ILE A 146 5.78 6.96 -10.60
CA ILE A 146 4.99 5.74 -10.91
C ILE A 146 4.78 5.65 -12.42
N GLN A 147 4.61 6.76 -13.09
CA GLN A 147 4.41 6.72 -14.56
C GLN A 147 5.78 6.72 -15.26
N GLU A 148 6.72 7.46 -14.75
CA GLU A 148 8.06 7.49 -15.40
C GLU A 148 8.61 6.07 -15.53
N ASN A 149 8.26 5.21 -14.61
CA ASN A 149 8.76 3.80 -14.68
C ASN A 149 7.86 2.99 -15.63
N GLY A 150 6.60 3.31 -15.69
CA GLY A 150 5.68 2.56 -16.57
C GLY A 150 4.24 2.80 -16.15
N GLY A 151 4.01 2.96 -14.86
CA GLY A 151 2.62 3.19 -14.37
C GLY A 151 2.18 2.03 -13.50
N TRP A 152 1.11 2.18 -12.77
CA TRP A 152 0.63 1.07 -11.90
C TRP A 152 0.44 -0.19 -12.73
N ASP A 153 -0.05 -0.05 -13.95
CA ASP A 153 -0.26 -1.25 -14.82
C ASP A 153 1.04 -2.04 -14.87
N THR A 154 2.15 -1.36 -14.84
CA THR A 154 3.46 -2.08 -14.90
C THR A 154 3.74 -2.65 -13.51
N PHE A 155 3.45 -1.90 -12.48
CA PHE A 155 3.69 -2.39 -11.09
C PHE A 155 3.03 -3.75 -10.90
N VAL A 156 2.00 -4.04 -11.66
CA VAL A 156 1.32 -5.36 -11.50
C VAL A 156 1.75 -6.28 -12.65
N GLU A 157 1.57 -5.86 -13.87
CA GLU A 157 1.96 -6.73 -15.03
C GLU A 157 3.44 -7.12 -14.90
N LEU A 158 4.23 -6.31 -14.25
CA LEU A 158 5.67 -6.64 -14.10
C LEU A 158 5.86 -7.69 -13.00
N TYR A 159 5.31 -7.45 -11.83
CA TYR A 159 5.46 -8.45 -10.73
C TYR A 159 4.10 -9.09 -10.43
N GLY A 160 3.09 -8.29 -10.17
CA GLY A 160 1.75 -8.85 -9.87
C GLY A 160 1.28 -9.73 -11.01
N ASN A 161 1.52 -11.01 -10.93
CA ASN A 161 1.09 -11.93 -12.02
C ASN A 161 -0.43 -11.87 -12.18
N ASN A 162 -0.93 -12.11 -13.36
CA ASN A 162 -2.41 -12.07 -13.57
C ASN A 162 -2.81 -13.18 -14.54
N ALA A 163 -2.44 -14.40 -14.24
CA ALA A 163 -2.81 -15.53 -15.15
C ALA A 163 -2.30 -15.23 -16.56
N ALA A 164 -1.28 -14.41 -16.69
CA ALA A 164 -0.76 -14.09 -18.05
C ALA A 164 0.36 -15.07 -18.42
N ALA A 165 1.02 -15.64 -17.44
CA ALA A 165 2.12 -16.60 -17.75
C ALA A 165 1.60 -17.69 -18.69
N GLU A 166 0.44 -18.22 -18.43
CA GLU A 166 -0.12 -19.29 -19.31
C GLU A 166 0.90 -20.43 -19.41
N SER A 167 1.68 -20.64 -18.39
CA SER A 167 2.68 -21.74 -18.44
C SER A 167 2.32 -22.82 -17.40
N ARG A 168 1.71 -22.42 -16.31
CA ARG A 168 1.32 -23.41 -15.25
C ARG A 168 2.58 -24.04 -14.65
N LYS A 169 3.14 -25.03 -15.30
CA LYS A 169 4.37 -25.67 -14.74
C LYS A 169 5.48 -24.62 -14.58
N GLY A 170 6.40 -24.51 -15.50
CA GLY A 170 7.48 -23.50 -15.36
C GLY A 170 8.70 -24.10 -14.65
N GLN A 171 8.49 -24.93 -13.66
CA GLN A 171 9.64 -25.55 -12.94
C GLN A 171 10.60 -26.22 -13.94
N GLU A 172 10.40 -27.47 -14.25
CA GLU A 172 11.31 -28.15 -15.22
C GLU A 172 12.76 -27.98 -14.77
N ARG A 173 13.18 -28.71 -13.77
CA ARG A 173 14.58 -28.60 -13.27
C ARG A 173 14.80 -27.24 -12.59
N LEU A 174 14.79 -26.17 -13.34
CA LEU A 174 15.00 -24.84 -12.72
C LEU A 174 14.58 -23.74 -13.71
N GLU A 175 13.59 -24.02 -14.52
CA GLU A 175 13.10 -23.03 -15.54
C GLU A 175 14.29 -22.36 -16.24
N HIS A 176 15.38 -23.07 -16.39
CA HIS A 176 16.57 -22.49 -17.06
C HIS A 176 17.37 -23.61 -17.75
N HIS A 177 18.52 -23.30 -18.25
CA HIS A 177 19.34 -24.35 -18.93
C HIS A 177 20.75 -24.37 -18.36
N HIS A 178 20.91 -23.91 -17.13
CA HIS A 178 22.26 -23.90 -16.51
C HIS A 178 23.25 -23.16 -17.43
N HIS A 179 22.85 -22.05 -17.97
CA HIS A 179 23.75 -21.29 -18.87
C HIS A 179 25.08 -21.01 -18.15
N HIS A 180 25.05 -20.91 -16.85
CA HIS A 180 26.31 -20.64 -16.10
C HIS A 180 27.28 -21.81 -16.32
N HIS A 181 28.25 -21.63 -17.18
CA HIS A 181 29.22 -22.73 -17.43
C HIS A 181 30.61 -22.30 -16.95
C1 N3B B . 13.89 0.18 4.00
C2 N3B B . 13.52 -0.61 5.08
C3 N3B B . 13.01 -1.88 4.87
C4 N3B B . 12.89 -2.37 3.57
C5 N3B B . 13.25 -1.59 2.48
C6 N3B B . 13.76 -0.31 2.70
F7 N3B B . 13.64 -0.14 6.32
C8 N3B B . 13.13 -2.11 1.14
C9 N3B B . 13.81 -3.27 0.78
C10 N3B B . 13.69 -3.77 -0.51
C11 N3B B . 12.89 -3.14 -1.46
C12 N3B B . 12.21 -1.99 -1.10
C13 N3B B . 12.32 -1.47 0.20
C14 N3B B . 12.79 -3.71 -2.78
O15 N3B B . 13.26 -4.83 -2.99
N16 N3B B . 12.21 -3.06 -3.81
S17 N3B B . 12.14 -3.83 -5.41
C18 N3B B . 11.05 -5.19 -5.40
C19 N3B B . 9.68 -4.97 -5.24
C20 N3B B . 8.81 -6.05 -5.23
C21 N3B B . 9.27 -7.35 -5.40
C22 N3B B . 10.64 -7.56 -5.56
C23 N3B B . 11.53 -6.48 -5.57
O24 N3B B . 13.43 -4.32 -5.77
O25 N3B B . 11.71 -2.88 -6.38
N26 N3B B . 7.47 -5.80 -5.07
O27 N3B B . 7.08 -4.64 -4.92
O28 N3B B . 6.62 -6.65 -5.05
N29 N3B B . 8.45 -8.48 -5.40
C30 N3B B . 8.86 -9.86 -5.57
C31 N3B B . 9.47 -10.41 -4.27
S32 N3B B . 8.48 -9.90 -2.82
C33 N3B B . 8.67 -8.32 -2.15
C34 N3B B . 7.68 -7.37 -2.36
C35 N3B B . 7.83 -6.09 -1.84
C36 N3B B . 8.96 -5.77 -1.10
C37 N3B B . 9.95 -6.72 -0.88
C38 N3B B . 9.80 -8.00 -1.42
HA1 N3B B . 14.28 1.17 4.17
HA2 N3B B . 12.72 -2.50 5.71
HB1 N3B B . 12.49 -3.36 3.44
HB2 N3B B . 14.06 0.33 1.88
HC1 N3B B . 14.44 -3.79 1.48
HD1 N3B B . 14.23 -4.69 -0.77
HD2 N3B B . 11.58 -1.47 -1.81
HC2 N3B B . 11.78 -0.57 0.44
H47 N3B B . 11.82 -2.14 -3.69
HG N3B B . 9.35 -3.96 -5.11
HF N3B B . 11.09 -8.53 -5.70
HE N3B B . 12.60 -6.63 -5.70
H51 N3B B . 7.45 -8.29 -5.28
HH1 N3B B . 9.65 -9.93 -6.33
HH2 N3B B . 8.02 -10.49 -5.87
HI1 N3B B . 10.47 -9.98 -4.15
HI2 N3B B . 9.53 -11.51 -4.31
HJ1 N3B B . 6.80 -7.61 -2.93
HK1 N3B B . 7.06 -5.34 -1.99
HL N3B B . 9.07 -4.78 -0.68
HK2 N3B B . 10.83 -6.47 -0.31
HJ2 N3B B . 10.58 -8.74 -1.25
#